data_8PZ6
#
_entry.id   8PZ6
#
_cell.length_a   66.070
_cell.length_b   66.070
_cell.length_c   261.060
_cell.angle_alpha   90.00
_cell.angle_beta   90.00
_cell.angle_gamma   120.00
#
_symmetry.space_group_name_H-M   'P 65 2 2'
#
loop_
_entity.id
_entity.type
_entity.pdbx_description
1 polymer 'Vitamin D3 receptor A'
2 polymer 'Nuclear receptor coactivator 2'
3 non-polymer (1~{R},3~{R})-5-[(2~{E})-2-[(4~{a}~{R},5~{S},9~{a}~{S})-4~{a}-methyl-5-[(2~{R})-6-methyl-6-oxidanyl-heptan-2-yl]-3,4,5,6,7,8,9,9~{a}-octahydro-2~{H}-benzo[7]annulen-1-ylidene]ethylidene]-2-(3-oxidanylpropylidene)cyclohexane-1,3-diol
4 water water
#
loop_
_entity_poly.entity_id
_entity_poly.type
_entity_poly.pdbx_seq_one_letter_code
_entity_poly.pdbx_strand_id
1 'polypeptide(L)'
;GSHMLSDEQMQIINSLVEAHHKTYDDSYSDFVRFRPPVREGPVTRSASRAASLHSLSDASSDSFNHSPESVDTKLNFSNL
LMMYQDSGSPDSSEEDQQSRLSMLPHLADLVSYSIQKVIGFAKMIPGFRDLTAEDQIALLKSSAIEIIMLRSNQSFSLED
MSWSCGGPDFKYCINDVTKAGHTLELLEPLVKFQVGLKKLKLHEEEHVLLMAICLLSPDRPGVQDHVRIEALQDRLCDVL
QAYIRIQHPGGRLLYAKMIQKLADLRSLNEEHSKQYRSLSFQPEHSMQLTPLVLEVFGSEVS
;
A
2 'polypeptide(L)' KHKILHRLLQDSS B
#
# COMPACT_ATOMS: atom_id res chain seq x y z
N MET A 4 21.39 16.60 12.83
CA MET A 4 20.45 16.10 13.83
C MET A 4 18.98 16.17 13.42
N LEU A 5 18.22 15.13 13.78
CA LEU A 5 16.77 15.12 13.58
C LEU A 5 16.10 15.95 14.66
N SER A 6 15.17 16.82 14.25
CA SER A 6 14.61 17.76 15.20
C SER A 6 13.66 17.04 16.15
N ASP A 7 13.04 17.81 17.04
CA ASP A 7 12.16 17.16 17.99
C ASP A 7 10.83 16.77 17.33
N GLU A 8 10.33 17.61 16.43
CA GLU A 8 9.10 17.26 15.73
C GLU A 8 9.34 16.14 14.74
N GLN A 9 10.43 16.19 13.97
CA GLN A 9 10.68 15.12 13.00
C GLN A 9 10.94 13.78 13.65
N MET A 10 11.34 13.75 14.91
CA MET A 10 11.51 12.47 15.58
C MET A 10 10.20 11.97 16.13
N GLN A 11 9.29 12.88 16.50
CA GLN A 11 7.95 12.46 16.88
C GLN A 11 7.17 11.97 15.66
N ILE A 12 7.37 12.63 14.51
CA ILE A 12 6.77 12.17 13.26
C ILE A 12 7.23 10.75 12.93
N ILE A 13 8.48 10.41 13.25
CA ILE A 13 8.98 9.05 13.01
C ILE A 13 8.34 8.09 14.00
N ASN A 14 8.32 8.47 15.27
CA ASN A 14 7.77 7.61 16.31
C ASN A 14 6.30 7.32 16.08
N SER A 15 5.57 8.35 15.67
CA SER A 15 4.14 8.23 15.42
C SER A 15 3.84 7.46 14.13
N LEU A 16 4.69 7.58 13.12
CA LEU A 16 4.41 6.84 11.90
C LEU A 16 4.73 5.36 12.06
N VAL A 17 5.73 5.05 12.89
CA VAL A 17 6.05 3.67 13.18
C VAL A 17 4.94 3.03 14.03
N GLU A 18 4.48 3.76 15.05
CA GLU A 18 3.35 3.30 15.85
C GLU A 18 2.17 2.92 14.96
N ALA A 19 1.76 3.83 14.07
CA ALA A 19 0.71 3.55 13.10
C ALA A 19 0.94 2.24 12.36
N HIS A 20 2.15 2.02 11.85
CA HIS A 20 2.42 0.78 11.12
C HIS A 20 2.30 -0.45 12.03
N HIS A 21 2.83 -0.35 13.25
CA HIS A 21 2.79 -1.47 14.18
C HIS A 21 1.39 -1.81 14.64
N LYS A 22 0.46 -0.86 14.57
CA LYS A 22 -0.92 -1.12 14.95
C LYS A 22 -1.69 -1.80 13.83
N THR A 23 -1.38 -1.46 12.58
CA THR A 23 -2.10 -1.92 11.42
C THR A 23 -1.36 -3.00 10.66
N TYR A 24 -0.31 -3.55 11.24
CA TYR A 24 0.37 -4.67 10.58
C TYR A 24 0.52 -5.79 11.56
N ASP A 25 0.04 -6.94 11.18
CA ASP A 25 0.01 -8.09 12.06
C ASP A 25 1.06 -9.06 11.53
N ASP A 26 2.21 -9.11 12.20
CA ASP A 26 3.30 -9.99 11.81
C ASP A 26 2.99 -11.46 12.03
N SER A 27 1.88 -11.79 12.71
CA SER A 27 1.42 -13.17 12.86
C SER A 27 0.51 -13.61 11.72
N TYR A 28 -0.09 -12.67 11.00
CA TYR A 28 -1.01 -12.95 9.90
C TYR A 28 -2.16 -13.87 10.35
N SER A 29 -2.57 -13.74 11.62
CA SER A 29 -3.52 -14.67 12.19
C SER A 29 -4.93 -14.42 11.67
N ASP A 30 -5.26 -13.18 11.30
CA ASP A 30 -6.57 -12.85 10.74
C ASP A 30 -6.73 -13.41 9.32
N PHE A 31 -5.73 -14.16 8.86
CA PHE A 31 -5.79 -14.70 7.50
C PHE A 31 -6.66 -15.94 7.47
N VAL A 32 -6.76 -16.62 8.61
CA VAL A 32 -7.49 -17.86 8.77
C VAL A 32 -8.99 -17.66 8.63
N ARG A 33 -9.41 -16.41 8.51
CA ARG A 33 -10.80 -16.01 8.35
C ARG A 33 -11.08 -15.42 6.98
N PHE A 34 -10.18 -15.59 6.02
CA PHE A 34 -10.48 -15.26 4.63
C PHE A 34 -11.07 -16.48 3.96
N ARG A 35 -11.67 -16.27 2.80
CA ARG A 35 -12.13 -17.41 2.03
C ARG A 35 -10.92 -18.23 1.66
N PRO A 36 -10.93 -19.54 1.89
CA PRO A 36 -9.70 -20.31 1.73
C PRO A 36 -9.17 -20.21 0.31
N PRO A 37 -7.86 -20.32 0.13
CA PRO A 37 -7.29 -20.25 -1.22
C PRO A 37 -7.50 -21.55 -1.97
N VAL A 38 -7.30 -21.51 -3.29
CA VAL A 38 -7.42 -22.73 -4.09
C VAL A 38 -6.35 -22.76 -5.16
N ARG A 39 -5.62 -23.88 -5.21
CA ARG A 39 -4.64 -24.10 -6.27
C ARG A 39 -4.55 -25.58 -6.60
N ARG A 100 -10.34 -19.77 -14.67
CA ARG A 100 -10.72 -20.44 -13.42
C ARG A 100 -10.83 -19.47 -12.25
N LEU A 101 -9.70 -18.82 -11.92
CA LEU A 101 -9.61 -17.82 -10.85
C LEU A 101 -9.94 -18.44 -9.48
N SER A 102 -9.30 -19.57 -9.19
CA SER A 102 -9.45 -20.23 -7.89
C SER A 102 -8.95 -19.37 -6.73
N MET A 103 -8.11 -18.37 -7.01
CA MET A 103 -7.49 -17.56 -5.97
C MET A 103 -8.13 -16.19 -5.80
N LEU A 104 -9.04 -15.81 -6.70
CA LEU A 104 -9.65 -14.50 -6.59
C LEU A 104 -10.42 -14.28 -5.30
N PRO A 105 -11.06 -15.27 -4.67
CA PRO A 105 -11.81 -14.93 -3.45
C PRO A 105 -10.92 -14.70 -2.26
N HIS A 106 -9.97 -15.60 -2.01
CA HIS A 106 -9.02 -15.39 -0.93
C HIS A 106 -8.18 -14.13 -1.14
N LEU A 107 -7.77 -13.87 -2.38
CA LEU A 107 -6.90 -12.72 -2.63
C LEU A 107 -7.68 -11.42 -2.58
N ALA A 108 -8.91 -11.39 -3.10
CA ALA A 108 -9.76 -10.21 -2.90
C ALA A 108 -10.00 -9.95 -1.42
N ASP A 109 -10.14 -11.01 -0.63
CA ASP A 109 -10.26 -10.84 0.80
C ASP A 109 -9.01 -10.23 1.39
N LEU A 110 -7.83 -10.72 0.97
CA LEU A 110 -6.57 -10.11 1.36
C LEU A 110 -6.50 -8.63 0.97
N VAL A 111 -6.88 -8.29 -0.26
CA VAL A 111 -6.84 -6.88 -0.66
C VAL A 111 -7.79 -6.04 0.20
N SER A 112 -9.00 -6.57 0.47
CA SER A 112 -9.97 -5.84 1.28
C SER A 112 -9.45 -5.69 2.71
N TYR A 113 -8.92 -6.77 3.27
CA TYR A 113 -8.28 -6.71 4.58
C TYR A 113 -7.23 -5.63 4.63
N SER A 114 -6.39 -5.58 3.58
CA SER A 114 -5.32 -4.61 3.49
C SER A 114 -5.85 -3.19 3.44
N ILE A 115 -6.79 -2.92 2.53
CA ILE A 115 -7.40 -1.60 2.42
C ILE A 115 -7.80 -1.09 3.78
N GLN A 116 -8.35 -1.96 4.63
CA GLN A 116 -8.75 -1.57 5.97
C GLN A 116 -7.55 -1.16 6.80
N LYS A 117 -6.48 -1.94 6.73
CA LYS A 117 -5.27 -1.60 7.47
C LYS A 117 -4.62 -0.32 6.93
N VAL A 118 -4.71 -0.07 5.62
CA VAL A 118 -4.17 1.16 5.03
C VAL A 118 -4.92 2.40 5.52
N ILE A 119 -6.24 2.28 5.73
CA ILE A 119 -7.04 3.39 6.23
C ILE A 119 -6.65 3.70 7.68
N GLY A 120 -6.35 2.68 8.46
CA GLY A 120 -5.96 2.90 9.84
C GLY A 120 -4.56 3.46 9.97
N PHE A 121 -3.68 3.12 9.03
CA PHE A 121 -2.39 3.78 8.92
C PHE A 121 -2.58 5.26 8.63
N ALA A 122 -3.33 5.58 7.57
CA ALA A 122 -3.51 6.96 7.14
C ALA A 122 -4.12 7.84 8.24
N LYS A 123 -5.10 7.32 8.97
CA LYS A 123 -5.76 8.13 9.99
C LYS A 123 -4.82 8.50 11.13
N MET A 124 -3.75 7.75 11.30
CA MET A 124 -2.73 8.04 12.30
C MET A 124 -1.56 8.86 11.73
N ILE A 125 -1.51 9.11 10.42
CA ILE A 125 -0.49 10.01 9.89
C ILE A 125 -0.78 11.43 10.37
N PRO A 126 0.24 12.20 10.80
CA PRO A 126 -0.02 13.55 11.33
C PRO A 126 -0.68 14.51 10.34
N GLY A 127 -1.92 14.93 10.60
CA GLY A 127 -2.56 15.94 9.78
C GLY A 127 -3.33 15.42 8.59
N PHE A 128 -3.20 14.13 8.25
CA PHE A 128 -4.13 13.51 7.33
C PHE A 128 -5.53 13.45 7.93
N ARG A 129 -5.60 13.17 9.24
CA ARG A 129 -6.85 13.30 9.98
C ARG A 129 -7.47 14.68 9.82
N ASP A 130 -6.65 15.72 9.70
CA ASP A 130 -7.15 17.08 9.60
C ASP A 130 -7.69 17.43 8.22
N LEU A 131 -7.41 16.63 7.20
CA LEU A 131 -7.80 16.98 5.84
C LEU A 131 -9.27 16.69 5.66
N THR A 132 -9.91 17.47 4.77
CA THR A 132 -11.33 17.26 4.51
C THR A 132 -11.58 15.83 4.06
N ALA A 133 -12.79 15.34 4.35
CA ALA A 133 -13.09 13.93 4.10
C ALA A 133 -13.01 13.62 2.61
N GLU A 134 -13.34 14.58 1.77
CA GLU A 134 -13.21 14.39 0.33
C GLU A 134 -11.76 14.12 -0.04
N ASP A 135 -10.83 14.93 0.51
CA ASP A 135 -9.40 14.74 0.25
C ASP A 135 -8.93 13.38 0.75
N GLN A 136 -9.32 13.00 1.97
CA GLN A 136 -8.94 11.69 2.50
C GLN A 136 -9.47 10.55 1.66
N ILE A 137 -10.65 10.70 1.07
CA ILE A 137 -11.17 9.65 0.19
C ILE A 137 -10.35 9.59 -1.09
N ALA A 138 -10.14 10.74 -1.72
CA ALA A 138 -9.42 10.81 -3.00
C ALA A 138 -8.01 10.30 -2.87
N LEU A 139 -7.36 10.55 -1.74
CA LEU A 139 -6.01 10.05 -1.52
C LEU A 139 -6.02 8.53 -1.42
N LEU A 140 -6.85 7.99 -0.53
CA LEU A 140 -6.98 6.54 -0.41
C LEU A 140 -7.47 5.89 -1.71
N LYS A 141 -8.38 6.55 -2.43
CA LYS A 141 -8.90 5.94 -3.64
C LYS A 141 -7.81 5.68 -4.66
N SER A 142 -6.91 6.65 -4.85
CA SER A 142 -5.81 6.52 -5.81
C SER A 142 -4.51 5.98 -5.22
N SER A 143 -4.30 6.02 -3.91
CA SER A 143 -3.04 5.50 -3.38
C SER A 143 -3.13 4.12 -2.74
N ALA A 144 -4.32 3.58 -2.51
CA ALA A 144 -4.45 2.35 -1.72
C ALA A 144 -3.66 1.18 -2.31
N ILE A 145 -3.76 0.97 -3.63
CA ILE A 145 -3.10 -0.20 -4.22
C ILE A 145 -1.58 -0.06 -4.17
N GLU A 146 -1.06 1.17 -4.26
CA GLU A 146 0.38 1.37 -4.11
C GLU A 146 0.81 1.06 -2.67
N ILE A 147 0.01 1.48 -1.69
CA ILE A 147 0.40 1.28 -0.29
C ILE A 147 0.26 -0.16 0.10
N ILE A 148 -0.59 -0.92 -0.58
CA ILE A 148 -0.66 -2.35 -0.34
C ILE A 148 0.56 -3.03 -0.94
N MET A 149 0.83 -2.74 -2.22
CA MET A 149 2.04 -3.23 -2.88
C MET A 149 3.28 -2.87 -2.08
N LEU A 150 3.28 -1.69 -1.46
CA LEU A 150 4.39 -1.24 -0.63
C LEU A 150 4.50 -2.04 0.66
N ARG A 151 3.38 -2.28 1.31
CA ARG A 151 3.41 -2.99 2.59
C ARG A 151 3.62 -4.47 2.41
N SER A 152 3.17 -4.99 1.29
CA SER A 152 3.36 -6.41 1.03
C SER A 152 4.82 -6.84 1.04
N ASN A 153 5.75 -5.91 0.77
CA ASN A 153 7.19 -6.20 0.82
C ASN A 153 7.58 -6.84 2.14
N GLN A 154 6.82 -6.57 3.20
CA GLN A 154 7.20 -7.05 4.53
C GLN A 154 7.11 -8.56 4.62
N SER A 155 6.18 -9.12 3.88
CA SER A 155 5.99 -10.56 3.90
C SER A 155 6.75 -11.21 2.77
N PHE A 156 7.02 -10.44 1.73
CA PHE A 156 7.72 -10.96 0.57
C PHE A 156 9.11 -11.46 0.98
N SER A 157 9.57 -12.48 0.26
CA SER A 157 10.82 -13.15 0.54
C SER A 157 11.62 -13.27 -0.74
N LEU A 158 12.85 -12.73 -0.72
CA LEU A 158 13.75 -12.89 -1.85
C LEU A 158 14.01 -14.36 -2.14
N GLU A 159 14.26 -15.14 -1.09
CA GLU A 159 14.53 -16.56 -1.24
C GLU A 159 13.37 -17.30 -1.90
N ASP A 160 12.16 -17.13 -1.34
CA ASP A 160 10.96 -17.82 -1.85
C ASP A 160 10.45 -17.23 -3.15
N MET A 161 10.81 -15.98 -3.46
CA MET A 161 10.18 -15.24 -4.56
C MET A 161 8.66 -15.25 -4.39
N SER A 162 8.22 -15.11 -3.15
CA SER A 162 6.82 -15.19 -2.82
C SER A 162 6.61 -14.53 -1.48
N TRP A 163 5.44 -13.90 -1.33
CA TRP A 163 5.02 -13.43 -0.02
C TRP A 163 4.71 -14.63 0.87
N SER A 164 5.27 -14.64 2.08
CA SER A 164 5.15 -15.76 3.00
C SER A 164 4.41 -15.25 4.23
N CYS A 165 3.10 -15.50 4.29
CA CYS A 165 2.21 -14.95 5.31
C CYS A 165 1.81 -15.97 6.37
N GLY A 166 2.71 -16.87 6.74
CA GLY A 166 2.41 -17.84 7.76
C GLY A 166 2.83 -19.23 7.31
N GLY A 167 1.86 -20.12 7.18
CA GLY A 167 2.14 -21.43 6.66
C GLY A 167 2.07 -21.46 5.16
N PRO A 168 2.30 -22.65 4.59
CA PRO A 168 2.24 -22.78 3.12
C PRO A 168 0.91 -22.42 2.53
N ASP A 169 -0.17 -22.44 3.35
CA ASP A 169 -1.48 -22.02 2.90
C ASP A 169 -1.51 -20.53 2.54
N PHE A 170 -0.62 -19.74 3.12
CA PHE A 170 -0.54 -18.32 2.82
C PHE A 170 0.81 -17.95 2.21
N LYS A 171 1.41 -18.90 1.50
CA LYS A 171 2.59 -18.67 0.68
C LYS A 171 2.09 -18.44 -0.74
N TYR A 172 1.91 -17.17 -1.09
CA TYR A 172 1.49 -16.80 -2.45
C TYR A 172 2.72 -16.68 -3.34
N CYS A 173 2.94 -17.72 -4.15
CA CYS A 173 3.97 -17.68 -5.19
C CYS A 173 3.38 -16.97 -6.41
N ILE A 174 4.07 -17.05 -7.55
CA ILE A 174 3.64 -16.25 -8.68
C ILE A 174 2.45 -16.90 -9.38
N ASN A 175 2.32 -18.22 -9.27
CA ASN A 175 1.19 -18.91 -9.91
C ASN A 175 -0.13 -18.53 -9.27
N ASP A 176 -0.19 -18.52 -7.93
CA ASP A 176 -1.41 -18.15 -7.23
C ASP A 176 -1.97 -16.82 -7.67
N VAL A 177 -1.10 -15.87 -8.01
CA VAL A 177 -1.54 -14.53 -8.32
C VAL A 177 -2.16 -14.46 -9.72
N THR A 178 -1.61 -15.21 -10.68
CA THR A 178 -2.22 -15.30 -12.00
C THR A 178 -3.60 -15.94 -11.94
N LYS A 179 -3.88 -16.69 -10.88
CA LYS A 179 -5.17 -17.33 -10.70
C LYS A 179 -6.14 -16.46 -9.90
N ALA A 180 -5.93 -15.15 -9.89
CA ALA A 180 -6.87 -14.19 -9.34
C ALA A 180 -7.26 -13.15 -10.39
N GLY A 181 -7.13 -13.52 -11.66
CA GLY A 181 -7.53 -12.67 -12.75
C GLY A 181 -6.44 -11.78 -13.32
N HIS A 182 -5.26 -11.72 -12.71
CA HIS A 182 -4.22 -10.79 -13.13
C HIS A 182 -3.20 -11.45 -14.03
N THR A 183 -2.86 -10.78 -15.12
CA THR A 183 -1.95 -11.32 -16.09
C THR A 183 -0.51 -10.89 -15.75
N LEU A 184 0.43 -11.55 -16.42
CA LEU A 184 1.84 -11.32 -16.17
C LEU A 184 2.29 -9.91 -16.52
N GLU A 185 1.48 -9.17 -17.27
CA GLU A 185 1.83 -7.79 -17.53
C GLU A 185 1.81 -6.95 -16.27
N LEU A 186 1.06 -7.36 -15.25
CA LEU A 186 1.13 -6.76 -13.93
C LEU A 186 2.07 -7.52 -13.03
N LEU A 187 2.22 -8.81 -13.25
CA LEU A 187 2.98 -9.63 -12.33
C LEU A 187 4.46 -9.52 -12.57
N GLU A 188 4.90 -9.34 -13.82
CA GLU A 188 6.31 -9.08 -14.10
C GLU A 188 6.82 -7.85 -13.38
N PRO A 189 6.32 -6.63 -13.65
CA PRO A 189 6.85 -5.46 -12.94
C PRO A 189 6.68 -5.51 -11.43
N LEU A 190 5.66 -6.20 -10.92
CA LEU A 190 5.41 -6.21 -9.48
C LEU A 190 6.46 -7.02 -8.73
N VAL A 191 6.82 -8.19 -9.24
CA VAL A 191 7.83 -9.02 -8.57
C VAL A 191 9.20 -8.33 -8.59
N LYS A 192 9.52 -7.66 -9.69
CA LYS A 192 10.75 -6.88 -9.75
C LYS A 192 10.70 -5.72 -8.76
N PHE A 193 9.56 -5.05 -8.62
CA PHE A 193 9.43 -4.03 -7.60
C PHE A 193 9.72 -4.60 -6.22
N GLN A 194 9.12 -5.75 -5.92
CA GLN A 194 9.23 -6.33 -4.59
C GLN A 194 10.68 -6.65 -4.24
N VAL A 195 11.41 -7.28 -5.17
CA VAL A 195 12.80 -7.62 -4.86
C VAL A 195 13.69 -6.40 -4.94
N GLY A 196 13.36 -5.43 -5.80
CA GLY A 196 14.16 -4.21 -5.84
C GLY A 196 13.99 -3.38 -4.59
N LEU A 197 12.77 -3.33 -4.05
CA LEU A 197 12.53 -2.68 -2.77
C LEU A 197 13.13 -3.51 -1.63
N LYS A 198 12.98 -4.84 -1.70
CA LYS A 198 13.52 -5.70 -0.65
C LYS A 198 15.02 -5.52 -0.53
N LYS A 199 15.74 -5.67 -1.64
CA LYS A 199 17.19 -5.56 -1.66
C LYS A 199 17.66 -4.20 -1.17
N LEU A 200 16.79 -3.19 -1.15
CA LEU A 200 17.15 -1.87 -0.64
C LEU A 200 17.33 -1.88 0.87
N LYS A 201 17.18 -3.06 1.48
CA LYS A 201 17.26 -3.30 2.92
C LYS A 201 16.89 -2.08 3.76
N LEU A 202 15.67 -1.58 3.57
CA LEU A 202 15.25 -0.34 4.22
C LEU A 202 15.09 -0.52 5.72
N HIS A 203 15.42 0.53 6.45
CA HIS A 203 15.12 0.57 7.86
C HIS A 203 13.63 0.68 8.00
N GLU A 204 13.11 0.18 9.11
CA GLU A 204 11.67 0.24 9.32
C GLU A 204 11.19 1.69 9.33
N GLU A 205 12.01 2.61 9.85
CA GLU A 205 11.72 4.05 9.83
C GLU A 205 11.74 4.64 8.43
N GLU A 206 12.22 3.93 7.44
CA GLU A 206 12.18 4.42 6.08
C GLU A 206 11.05 3.79 5.28
N HIS A 207 10.82 2.49 5.53
CA HIS A 207 9.68 1.78 4.97
C HIS A 207 8.37 2.44 5.38
N VAL A 208 8.24 2.71 6.68
CA VAL A 208 7.12 3.46 7.23
C VAL A 208 7.00 4.83 6.59
N LEU A 209 8.09 5.59 6.56
CA LEU A 209 8.07 6.95 6.04
C LEU A 209 7.70 6.97 4.56
N LEU A 210 8.24 6.03 3.79
CA LEU A 210 7.95 5.97 2.36
C LEU A 210 6.46 5.75 2.11
N MET A 211 5.81 4.94 2.97
CA MET A 211 4.37 4.68 2.85
C MET A 211 3.57 5.97 3.04
N ALA A 212 3.83 6.70 4.12
CA ALA A 212 3.12 7.96 4.35
C ALA A 212 3.40 8.97 3.26
N ILE A 213 4.54 8.85 2.58
CA ILE A 213 4.87 9.79 1.52
C ILE A 213 4.08 9.46 0.26
N CYS A 214 3.98 8.17 -0.08
CA CYS A 214 3.20 7.76 -1.24
C CYS A 214 1.73 8.13 -1.09
N LEU A 215 1.22 8.06 0.14
CA LEU A 215 -0.15 8.43 0.46
C LEU A 215 -0.40 9.91 0.20
N LEU A 216 0.33 10.77 0.92
CA LEU A 216 0.14 12.22 0.86
C LEU A 216 0.67 12.89 -0.43
N SER A 217 0.49 12.26 -1.62
CA SER A 217 0.91 12.95 -2.86
C SER A 217 -0.22 13.82 -3.38
N PRO A 218 0.03 15.10 -3.69
CA PRO A 218 -1.04 15.96 -4.20
C PRO A 218 -1.39 15.71 -5.64
N ASP A 219 -0.48 15.07 -6.36
CA ASP A 219 -0.68 14.79 -7.76
C ASP A 219 -1.54 13.57 -7.95
N ARG A 220 -2.62 13.51 -7.21
CA ARG A 220 -3.54 12.40 -7.34
C ARG A 220 -4.86 12.96 -7.84
N PRO A 221 -5.59 12.18 -8.63
CA PRO A 221 -6.81 12.72 -9.26
C PRO A 221 -7.82 13.15 -8.21
N GLY A 222 -8.33 14.36 -8.39
CA GLY A 222 -9.39 14.85 -7.54
C GLY A 222 -9.02 15.19 -6.11
N VAL A 223 -7.83 15.75 -5.87
CA VAL A 223 -7.54 16.35 -4.58
C VAL A 223 -7.80 17.83 -4.73
N GLN A 224 -8.12 18.50 -3.62
CA GLN A 224 -8.63 19.85 -3.65
C GLN A 224 -7.67 20.85 -3.02
N ASP A 225 -7.12 20.53 -1.86
CA ASP A 225 -6.14 21.37 -1.19
C ASP A 225 -4.76 20.80 -1.45
N HIS A 226 -4.26 21.06 -2.66
CA HIS A 226 -2.91 20.62 -3.00
C HIS A 226 -1.89 21.16 -2.02
N VAL A 227 -2.01 22.45 -1.67
CA VAL A 227 -0.98 23.12 -0.90
C VAL A 227 -0.91 22.58 0.53
N ARG A 228 -2.01 22.04 1.05
CA ARG A 228 -1.93 21.53 2.41
C ARG A 228 -1.37 20.13 2.46
N ILE A 229 -1.72 19.30 1.48
CA ILE A 229 -1.20 17.94 1.53
C ILE A 229 0.21 17.91 0.96
N GLU A 230 0.57 18.90 0.15
CA GLU A 230 1.97 19.07 -0.22
C GLU A 230 2.81 19.48 0.98
N ALA A 231 2.32 20.44 1.76
CA ALA A 231 2.95 20.84 3.01
C ALA A 231 3.21 19.65 3.92
N LEU A 232 2.33 18.67 3.91
CA LEU A 232 2.56 17.49 4.73
C LEU A 232 3.66 16.63 4.12
N GLN A 233 3.52 16.33 2.83
CA GLN A 233 4.42 15.37 2.20
C GLN A 233 5.86 15.87 2.20
N ASP A 234 6.07 17.16 1.91
CA ASP A 234 7.40 17.74 2.02
C ASP A 234 7.97 17.54 3.41
N ARG A 235 7.23 17.97 4.45
CA ARG A 235 7.69 17.76 5.82
C ARG A 235 8.10 16.31 6.07
N LEU A 236 7.43 15.35 5.42
CA LEU A 236 7.83 13.95 5.53
C LEU A 236 9.10 13.67 4.72
N CYS A 237 9.15 14.17 3.49
CA CYS A 237 10.36 14.02 2.67
C CYS A 237 11.57 14.57 3.40
N ASP A 238 11.42 15.71 4.06
CA ASP A 238 12.50 16.26 4.88
C ASP A 238 12.93 15.26 5.94
N VAL A 239 11.97 14.58 6.56
CA VAL A 239 12.29 13.63 7.61
C VAL A 239 12.98 12.41 7.04
N LEU A 240 12.54 11.97 5.85
CA LEU A 240 13.16 10.78 5.27
C LEU A 240 14.61 11.04 4.88
N GLN A 241 14.89 12.21 4.29
CA GLN A 241 16.24 12.56 3.85
C GLN A 241 17.20 12.71 5.03
N ALA A 242 16.82 13.50 6.02
CA ALA A 242 17.61 13.59 7.24
C ALA A 242 17.76 12.25 7.93
N TYR A 243 16.79 11.34 7.85
CA TYR A 243 16.97 10.04 8.47
C TYR A 243 18.09 9.27 7.78
N ILE A 244 18.07 9.22 6.45
CA ILE A 244 19.04 8.40 5.73
C ILE A 244 20.44 8.98 5.87
N ARG A 245 20.57 10.31 5.91
CA ARG A 245 21.87 10.93 6.16
C ARG A 245 22.37 10.64 7.56
N ILE A 246 21.68 11.14 8.58
CA ILE A 246 22.09 10.99 9.97
C ILE A 246 22.09 9.54 10.44
N GLN A 247 21.26 8.66 9.86
CA GLN A 247 20.96 7.38 10.52
C GLN A 247 21.20 6.13 9.68
N HIS A 248 21.10 6.22 8.36
CA HIS A 248 21.34 5.05 7.54
C HIS A 248 22.80 5.02 7.09
N PRO A 249 23.61 4.10 7.58
CA PRO A 249 25.02 4.10 7.19
C PRO A 249 25.22 3.55 5.79
N GLY A 250 25.34 4.43 4.79
CA GLY A 250 25.63 4.02 3.43
C GLY A 250 24.60 4.51 2.42
N GLY A 251 23.67 5.34 2.87
CA GLY A 251 22.57 5.74 2.04
C GLY A 251 22.71 7.08 1.37
N ARG A 252 23.90 7.39 0.85
CA ARG A 252 23.99 8.60 0.06
C ARG A 252 23.20 8.45 -1.23
N LEU A 253 23.08 7.23 -1.73
CA LEU A 253 22.29 6.99 -2.92
C LEU A 253 20.82 6.62 -2.62
N LEU A 254 20.46 6.36 -1.36
CA LEU A 254 19.24 5.62 -1.06
C LEU A 254 17.97 6.45 -1.28
N TYR A 255 17.96 7.70 -0.82
CA TYR A 255 16.75 8.51 -0.96
C TYR A 255 16.32 8.63 -2.42
N ALA A 256 17.29 8.67 -3.34
CA ALA A 256 16.91 8.64 -4.75
C ALA A 256 16.34 7.27 -5.13
N LYS A 257 16.87 6.20 -4.53
CA LYS A 257 16.37 4.87 -4.85
C LYS A 257 14.92 4.75 -4.43
N MET A 258 14.61 5.25 -3.23
CA MET A 258 13.25 5.21 -2.70
C MET A 258 12.29 6.03 -3.55
N ILE A 259 12.64 7.28 -3.81
CA ILE A 259 11.84 8.14 -4.68
C ILE A 259 11.67 7.54 -6.06
N GLN A 260 12.52 6.58 -6.43
CA GLN A 260 12.33 5.91 -7.71
C GLN A 260 11.25 4.86 -7.61
N LYS A 261 11.23 4.14 -6.49
CA LYS A 261 10.17 3.19 -6.23
C LYS A 261 8.80 3.87 -6.29
N LEU A 262 8.72 5.12 -5.85
CA LEU A 262 7.47 5.85 -5.98
C LEU A 262 7.04 5.96 -7.45
N ALA A 263 7.94 6.36 -8.33
CA ALA A 263 7.55 6.39 -9.74
C ALA A 263 7.26 4.97 -10.26
N ASP A 264 7.98 3.98 -9.74
CA ASP A 264 7.71 2.58 -10.10
C ASP A 264 6.29 2.22 -9.77
N LEU A 265 5.85 2.60 -8.57
CA LEU A 265 4.50 2.34 -8.08
C LEU A 265 3.45 2.85 -9.04
N ARG A 266 3.48 4.14 -9.33
CA ARG A 266 2.47 4.73 -10.20
C ARG A 266 2.29 3.96 -11.50
N SER A 267 3.33 3.29 -11.97
CA SER A 267 3.23 2.52 -13.21
C SER A 267 2.69 1.13 -12.94
N LEU A 268 2.92 0.61 -11.73
CA LEU A 268 2.26 -0.61 -11.29
C LEU A 268 0.81 -0.35 -10.99
N ASN A 269 0.51 0.82 -10.42
CA ASN A 269 -0.86 1.25 -10.23
C ASN A 269 -1.63 1.28 -11.54
N GLU A 270 -1.04 1.86 -12.59
CA GLU A 270 -1.68 1.95 -13.89
C GLU A 270 -2.06 0.59 -14.45
N GLU A 271 -1.15 -0.38 -14.36
CA GLU A 271 -1.42 -1.70 -14.89
C GLU A 271 -2.47 -2.42 -14.05
N HIS A 272 -2.37 -2.32 -12.72
CA HIS A 272 -3.35 -2.99 -11.88
C HIS A 272 -4.75 -2.43 -12.13
N SER A 273 -4.88 -1.10 -12.12
CA SER A 273 -6.20 -0.51 -12.23
C SER A 273 -6.78 -0.66 -13.65
N LYS A 274 -5.92 -0.93 -14.64
CA LYS A 274 -6.38 -1.31 -15.97
C LYS A 274 -6.87 -2.75 -16.00
N GLN A 275 -6.16 -3.65 -15.31
CA GLN A 275 -6.57 -5.03 -15.20
C GLN A 275 -7.71 -5.19 -14.22
N TYR A 276 -7.88 -4.22 -13.34
CA TYR A 276 -9.06 -4.21 -12.49
C TYR A 276 -10.31 -3.97 -13.31
N ARG A 277 -10.25 -3.06 -14.28
CA ARG A 277 -11.41 -2.83 -15.14
C ARG A 277 -11.79 -4.10 -15.89
N SER A 278 -10.81 -4.91 -16.28
CA SER A 278 -11.15 -6.14 -16.97
C SER A 278 -11.97 -7.06 -16.08
N LEU A 279 -11.55 -7.23 -14.82
CA LEU A 279 -12.25 -8.13 -13.93
C LEU A 279 -13.62 -7.57 -13.55
N SER A 280 -13.67 -6.27 -13.19
CA SER A 280 -14.91 -5.70 -12.67
C SER A 280 -16.00 -5.54 -13.73
N PHE A 281 -15.66 -5.41 -15.01
CA PHE A 281 -16.65 -5.41 -16.09
C PHE A 281 -17.23 -6.79 -16.35
N GLN A 282 -16.68 -7.85 -15.75
CA GLN A 282 -17.23 -9.19 -15.81
C GLN A 282 -18.02 -9.45 -14.52
N PRO A 283 -19.35 -9.36 -14.52
CA PRO A 283 -20.09 -9.48 -13.25
C PRO A 283 -19.90 -10.84 -12.58
N GLU A 284 -19.59 -11.89 -13.34
CA GLU A 284 -19.31 -13.19 -12.74
C GLU A 284 -18.01 -13.19 -11.96
N HIS A 285 -17.12 -12.25 -12.22
CA HIS A 285 -15.92 -12.08 -11.41
C HIS A 285 -16.10 -11.02 -10.34
N SER A 286 -16.69 -9.87 -10.69
CA SER A 286 -16.87 -8.83 -9.68
C SER A 286 -17.73 -9.32 -8.53
N MET A 287 -18.54 -10.34 -8.81
CA MET A 287 -19.30 -11.05 -7.79
C MET A 287 -18.42 -11.52 -6.63
N GLN A 288 -17.15 -11.89 -6.91
CA GLN A 288 -16.26 -12.38 -5.86
C GLN A 288 -15.60 -11.27 -5.05
N LEU A 289 -15.69 -10.03 -5.49
CA LEU A 289 -15.02 -8.98 -4.75
C LEU A 289 -15.78 -8.67 -3.47
N THR A 290 -15.32 -7.66 -2.76
CA THR A 290 -15.96 -7.32 -1.52
C THR A 290 -16.52 -5.90 -1.59
N PRO A 291 -17.56 -5.58 -0.81
CA PRO A 291 -18.09 -4.20 -0.81
C PRO A 291 -17.03 -3.12 -0.75
N LEU A 292 -15.95 -3.33 0.03
CA LEU A 292 -14.92 -2.30 0.22
C LEU A 292 -13.99 -2.19 -0.97
N VAL A 293 -13.52 -3.33 -1.49
CA VAL A 293 -12.75 -3.31 -2.72
C VAL A 293 -13.49 -2.53 -3.80
N LEU A 294 -14.73 -2.93 -4.09
CA LEU A 294 -15.55 -2.29 -5.12
C LEU A 294 -15.71 -0.81 -4.88
N GLU A 295 -15.68 -0.40 -3.62
CA GLU A 295 -15.84 1.00 -3.29
C GLU A 295 -14.53 1.79 -3.51
N VAL A 296 -13.39 1.22 -3.10
CA VAL A 296 -12.11 1.93 -3.13
C VAL A 296 -11.53 1.95 -4.54
N PHE A 297 -11.54 0.79 -5.22
CA PHE A 297 -11.06 0.68 -6.59
C PHE A 297 -12.14 1.02 -7.61
N GLY A 298 -13.33 1.41 -7.16
CA GLY A 298 -14.34 1.88 -8.08
C GLY A 298 -13.98 3.23 -8.64
N SER A 299 -14.68 3.62 -9.69
CA SER A 299 -14.41 4.89 -10.36
C SER A 299 -15.31 6.00 -9.85
N GLU A 300 -15.61 6.00 -8.56
CA GLU A 300 -16.53 6.95 -7.96
C GLU A 300 -15.84 8.31 -7.71
N VAL A 301 -16.67 9.31 -7.41
CA VAL A 301 -16.21 10.68 -7.13
C VAL A 301 -17.05 11.29 -6.01
N LYS B 1 -22.56 8.19 -1.30
CA LYS B 1 -21.16 8.43 -1.56
C LYS B 1 -20.34 7.18 -1.35
N HIS B 2 -19.30 7.30 -0.54
CA HIS B 2 -18.46 6.16 -0.24
C HIS B 2 -18.78 5.72 1.15
N LYS B 3 -19.96 5.16 1.32
CA LYS B 3 -20.41 4.78 2.63
C LYS B 3 -19.37 4.13 3.50
N ILE B 4 -18.78 3.03 3.06
CA ILE B 4 -17.87 2.35 3.97
C ILE B 4 -16.61 3.17 4.22
N LEU B 5 -16.14 3.91 3.22
CA LEU B 5 -14.96 4.75 3.45
C LEU B 5 -15.26 5.81 4.50
N HIS B 6 -16.38 6.52 4.36
CA HIS B 6 -16.81 7.49 5.37
C HIS B 6 -16.83 6.89 6.76
N ARG B 7 -17.35 5.66 6.88
CA ARG B 7 -17.48 5.01 8.18
C ARG B 7 -16.12 4.68 8.76
N LEU B 8 -15.26 4.07 7.96
CA LEU B 8 -13.95 3.67 8.43
C LEU B 8 -13.13 4.88 8.83
N LEU B 9 -13.31 6.00 8.15
CA LEU B 9 -12.56 7.21 8.46
C LEU B 9 -13.11 7.93 9.68
N GLN B 10 -14.24 7.49 10.22
CA GLN B 10 -15.05 8.24 11.16
C GLN B 10 -15.47 9.55 10.51
#